data_6OTN
#
_entry.id   6OTN
#
_cell.length_a   97.201
_cell.length_b   97.201
_cell.length_c   93.100
_cell.angle_alpha   90.000
_cell.angle_beta   90.000
_cell.angle_gamma   90.000
#
_symmetry.space_group_name_H-M   'P 43 21 2'
#
loop_
_entity.id
_entity.type
_entity.pdbx_description
1 polymer 'Tropomyosin alpha-3 chain'
2 non-polymer 'SULFATE ION'
3 water water
#
_entity_poly.entity_id   1
_entity_poly.type   'polypeptide(L)'
_entity_poly.pdbx_seq_one_letter_code
;ASAGITTIEAVKRKIQVLQQQADDAEERAERLQREVEGERRAREQAEAEVASLNRRIQLVEEELDRAQERLATALQKLEE
C
;
_entity_poly.pdbx_strand_id   A,B,C,D
#
# COMPACT_ATOMS: atom_id res chain seq x y z
N THR A 7 -29.41 -44.67 26.77
CA THR A 7 -28.00 -44.69 26.41
C THR A 7 -27.81 -44.56 24.90
N ILE A 8 -28.80 -45.06 24.15
CA ILE A 8 -28.73 -45.00 22.70
C ILE A 8 -28.83 -43.55 22.23
N GLU A 9 -29.83 -42.83 22.73
CA GLU A 9 -30.01 -41.43 22.35
C GLU A 9 -28.89 -40.56 22.92
N ALA A 10 -28.35 -40.93 24.08
CA ALA A 10 -27.27 -40.16 24.68
C ALA A 10 -26.00 -40.19 23.85
N VAL A 11 -25.86 -41.17 22.96
CA VAL A 11 -24.68 -41.24 22.09
C VAL A 11 -24.94 -40.48 20.80
N LYS A 12 -26.16 -40.58 20.29
CA LYS A 12 -26.56 -39.78 19.13
C LYS A 12 -26.58 -38.29 19.47
N ARG A 13 -26.88 -37.95 20.73
CA ARG A 13 -26.90 -36.55 21.13
C ARG A 13 -25.51 -36.02 21.44
N LYS A 14 -24.68 -36.84 22.10
CA LYS A 14 -23.30 -36.42 22.34
C LYS A 14 -22.56 -36.18 21.03
N ILE A 15 -22.86 -36.99 20.01
CA ILE A 15 -22.25 -36.81 18.70
C ILE A 15 -22.74 -35.52 18.05
N GLN A 16 -24.03 -35.23 18.19
CA GLN A 16 -24.58 -34.00 17.60
C GLN A 16 -23.99 -32.76 18.24
N VAL A 17 -23.83 -32.76 19.57
CA VAL A 17 -23.32 -31.57 20.25
C VAL A 17 -21.85 -31.36 19.91
N LEU A 18 -21.09 -32.44 19.74
CA LEU A 18 -19.67 -32.31 19.39
C LEU A 18 -19.51 -31.84 17.95
N GLN A 19 -20.37 -32.30 17.04
CA GLN A 19 -20.27 -31.85 15.66
C GLN A 19 -20.71 -30.39 15.50
N GLN A 20 -21.70 -29.96 16.28
CA GLN A 20 -22.09 -28.55 16.24
C GLN A 20 -21.00 -27.66 16.80
N GLN A 21 -20.25 -28.14 17.79
CA GLN A 21 -19.14 -27.38 18.34
C GLN A 21 -18.07 -27.15 17.29
N ALA A 22 -17.73 -28.18 16.51
CA ALA A 22 -16.71 -28.04 15.47
C ALA A 22 -17.18 -27.14 14.35
N ASP A 23 -18.47 -27.24 13.98
CA ASP A 23 -19.00 -26.36 12.94
C ASP A 23 -18.95 -24.90 13.36
N ASP A 24 -19.36 -24.61 14.59
CA ASP A 24 -19.28 -23.24 15.09
C ASP A 24 -17.84 -22.74 15.11
N ALA A 25 -16.91 -23.59 15.55
CA ALA A 25 -15.51 -23.21 15.59
C ALA A 25 -14.96 -22.98 14.18
N GLU A 26 -15.37 -23.80 13.22
CA GLU A 26 -14.88 -23.65 11.86
C GLU A 26 -15.41 -22.37 11.22
N GLU A 27 -16.67 -22.01 11.53
CA GLU A 27 -17.23 -20.76 11.04
C GLU A 27 -16.57 -19.57 11.72
N ARG A 28 -16.27 -19.69 13.00
CA ARG A 28 -15.54 -18.63 13.70
C ARG A 28 -14.17 -18.42 13.07
N ALA A 29 -13.50 -19.52 12.67
CA ALA A 29 -12.19 -19.41 12.06
C ALA A 29 -12.25 -18.63 10.76
N GLU A 30 -13.28 -18.87 9.94
CA GLU A 30 -13.41 -18.11 8.69
C GLU A 30 -13.61 -16.63 8.96
N ARG A 31 -14.40 -16.28 9.99
CA ARG A 31 -14.58 -14.87 10.32
C ARG A 31 -13.26 -14.25 10.77
N LEU A 32 -12.48 -14.99 11.56
CA LEU A 32 -11.23 -14.47 12.06
C LEU A 32 -10.19 -14.35 10.95
N GLN A 33 -10.25 -15.21 9.94
CA GLN A 33 -9.33 -15.09 8.82
C GLN A 33 -9.54 -13.79 8.07
N ARG A 34 -10.80 -13.39 7.88
CA ARG A 34 -11.09 -12.09 7.27
C ARG A 34 -10.70 -10.96 8.22
N GLU A 35 -10.79 -11.17 9.54
CA GLU A 35 -10.37 -10.17 10.51
C GLU A 35 -8.86 -9.98 10.47
N VAL A 36 -8.11 -11.07 10.31
CA VAL A 36 -6.67 -10.95 10.16
C VAL A 36 -6.33 -10.13 8.93
N GLU A 37 -6.98 -10.45 7.80
CA GLU A 37 -6.71 -9.73 6.56
C GLU A 37 -7.06 -8.25 6.68
N GLY A 38 -8.13 -7.94 7.41
CA GLY A 38 -8.50 -6.55 7.60
C GLY A 38 -7.42 -5.75 8.31
N GLU A 39 -6.80 -6.36 9.33
CA GLU A 39 -5.72 -5.69 10.04
C GLU A 39 -4.44 -5.64 9.21
N ARG A 40 -4.17 -6.71 8.44
CA ARG A 40 -2.98 -6.74 7.61
C ARG A 40 -3.08 -5.73 6.47
N ARG A 41 -4.25 -5.63 5.85
CA ARG A 41 -4.48 -4.65 4.80
C ARG A 41 -4.18 -3.24 5.31
N ALA A 42 -4.68 -2.91 6.50
CA ALA A 42 -4.41 -1.60 7.08
C ALA A 42 -2.93 -1.42 7.40
N ARG A 43 -2.28 -2.48 7.90
CA ARG A 43 -0.85 -2.40 8.18
C ARG A 43 -0.04 -2.10 6.93
N GLU A 44 -0.28 -2.85 5.86
CA GLU A 44 0.50 -2.68 4.65
C GLU A 44 0.18 -1.36 3.94
N GLN A 45 -1.00 -0.80 4.18
CA GLN A 45 -1.27 0.56 3.74
C GLN A 45 -0.39 1.57 4.47
N ALA A 46 -0.25 1.41 5.79
CA ALA A 46 0.61 2.31 6.56
C ALA A 46 2.07 2.14 6.17
N GLU A 47 2.50 0.89 5.96
CA GLU A 47 3.89 0.64 5.58
C GLU A 47 4.22 1.28 4.24
N ALA A 48 3.25 1.28 3.31
CA ALA A 48 3.48 1.95 2.03
C ALA A 48 3.63 3.46 2.21
N GLU A 49 2.82 4.04 3.10
CA GLU A 49 2.95 5.47 3.39
C GLU A 49 4.24 5.78 4.12
N VAL A 50 4.73 4.86 4.96
CA VAL A 50 6.04 5.02 5.58
C VAL A 50 7.12 5.12 4.52
N ALA A 51 7.12 4.19 3.56
CA ALA A 51 8.10 4.21 2.49
C ALA A 51 8.00 5.49 1.67
N SER A 52 6.78 5.94 1.40
CA SER A 52 6.60 7.19 0.66
C SER A 52 7.13 8.38 1.45
N LEU A 53 6.81 8.44 2.75
CA LEU A 53 7.25 9.55 3.58
C LEU A 53 8.77 9.57 3.71
N ASN A 54 9.42 8.40 3.72
CA ASN A 54 10.87 8.38 3.78
C ASN A 54 11.49 8.93 2.50
N ARG A 55 10.89 8.62 1.35
CA ARG A 55 11.39 9.18 0.09
C ARG A 55 11.15 10.68 0.01
N ARG A 56 10.01 11.16 0.51
CA ARG A 56 9.75 12.60 0.45
C ARG A 56 10.68 13.37 1.37
N ILE A 57 10.95 12.82 2.56
CA ILE A 57 11.85 13.50 3.50
C ILE A 57 13.24 13.64 2.91
N GLN A 58 13.72 12.59 2.23
CA GLN A 58 15.00 12.67 1.54
C GLN A 58 14.96 13.72 0.43
N LEU A 59 13.81 13.87 -0.23
CA LEU A 59 13.67 14.89 -1.27
C LEU A 59 13.75 16.29 -0.69
N VAL A 60 13.08 16.53 0.45
CA VAL A 60 13.10 17.86 1.05
C VAL A 60 14.50 18.18 1.58
N GLU A 61 15.18 17.17 2.11
CA GLU A 61 16.55 17.39 2.59
C GLU A 61 17.49 17.78 1.46
N GLU A 62 17.25 17.28 0.24
CA GLU A 62 18.07 17.69 -0.89
C GLU A 62 17.73 19.11 -1.33
N GLU A 63 16.44 19.45 -1.34
CA GLU A 63 16.06 20.84 -1.60
C GLU A 63 16.62 21.77 -0.53
N LEU A 64 16.70 21.29 0.71
CA LEU A 64 17.27 22.10 1.78
C LEU A 64 18.76 22.36 1.55
N ASP A 65 19.51 21.30 1.18
CA ASP A 65 20.94 21.45 0.94
C ASP A 65 21.21 22.42 -0.19
N ARG A 66 20.40 22.36 -1.25
CA ARG A 66 20.54 23.32 -2.35
C ARG A 66 20.26 24.74 -1.88
N ALA A 67 19.30 24.92 -0.98
CA ALA A 67 19.01 26.25 -0.46
C ALA A 67 20.13 26.76 0.43
N GLN A 68 20.67 25.90 1.30
CA GLN A 68 21.76 26.31 2.17
C GLN A 68 23.05 26.56 1.39
N GLU A 69 23.32 25.74 0.38
CA GLU A 69 24.52 25.95 -0.44
C GLU A 69 24.48 27.29 -1.15
N ARG A 70 23.36 27.59 -1.82
CA ARG A 70 23.26 28.87 -2.52
C ARG A 70 23.33 30.05 -1.55
N LEU A 71 22.76 29.90 -0.36
CA LEU A 71 22.85 30.95 0.64
C LEU A 71 24.30 31.25 0.98
N ALA A 72 25.08 30.22 1.32
CA ALA A 72 26.51 30.40 1.60
C ALA A 72 27.19 31.13 0.44
N THR A 73 26.87 30.75 -0.80
CA THR A 73 27.44 31.41 -1.96
C THR A 73 26.97 32.87 -2.06
N ALA A 74 25.65 33.08 -1.98
CA ALA A 74 25.06 34.40 -2.16
C ALA A 74 25.57 35.41 -1.13
N LEU A 75 26.10 34.96 0.00
CA LEU A 75 26.61 35.86 1.02
C LEU A 75 27.95 36.46 0.60
N ARG B 13 -16.11 -44.25 21.72
CA ARG B 13 -14.77 -44.27 21.13
C ARG B 13 -14.78 -43.55 19.79
N LYS B 14 -15.92 -43.63 19.10
CA LYS B 14 -16.16 -42.74 17.97
C LYS B 14 -16.30 -41.31 18.46
N ILE B 15 -16.71 -41.14 19.71
CA ILE B 15 -16.83 -39.82 20.31
C ILE B 15 -15.46 -39.19 20.49
N GLN B 16 -14.45 -39.98 20.85
CA GLN B 16 -13.11 -39.45 21.02
C GLN B 16 -12.53 -38.94 19.71
N VAL B 17 -12.91 -39.55 18.58
CA VAL B 17 -12.52 -39.00 17.29
C VAL B 17 -13.23 -37.67 17.07
N LEU B 18 -14.53 -37.62 17.36
CA LEU B 18 -15.28 -36.37 17.22
C LEU B 18 -14.83 -35.34 18.27
N GLN B 19 -14.51 -35.81 19.48
CA GLN B 19 -14.03 -34.91 20.52
C GLN B 19 -12.67 -34.32 20.17
N GLN B 20 -11.82 -35.09 19.49
CA GLN B 20 -10.54 -34.55 19.04
C GLN B 20 -10.74 -33.56 17.90
N GLN B 21 -11.69 -33.85 17.01
CA GLN B 21 -12.00 -32.93 15.92
C GLN B 21 -12.48 -31.59 16.46
N ALA B 22 -13.34 -31.61 17.49
CA ALA B 22 -13.79 -30.36 18.09
C ALA B 22 -12.68 -29.67 18.85
N ASP B 23 -11.78 -30.44 19.47
CA ASP B 23 -10.62 -29.86 20.14
C ASP B 23 -9.71 -29.15 19.15
N ASP B 24 -9.43 -29.80 18.01
CA ASP B 24 -8.55 -29.20 17.00
C ASP B 24 -9.17 -27.96 16.40
N ALA B 25 -10.49 -27.97 16.16
CA ALA B 25 -11.16 -26.80 15.59
C ALA B 25 -11.12 -25.61 16.54
N GLU B 26 -11.42 -25.84 17.82
CA GLU B 26 -11.33 -24.76 18.80
C GLU B 26 -9.91 -24.24 18.92
N GLU B 27 -8.93 -25.12 18.74
CA GLU B 27 -7.53 -24.71 18.84
C GLU B 27 -7.13 -23.83 17.66
N ARG B 28 -7.56 -24.19 16.44
CA ARG B 28 -7.27 -23.36 15.28
C ARG B 28 -7.91 -21.98 15.39
N ALA B 29 -9.12 -21.90 15.96
CA ALA B 29 -9.78 -20.61 16.14
C ALA B 29 -9.03 -19.76 17.15
N GLU B 30 -8.59 -20.36 18.26
CA GLU B 30 -7.80 -19.61 19.24
C GLU B 30 -6.47 -19.17 18.64
N ARG B 31 -5.87 -20.01 17.80
CA ARG B 31 -4.63 -19.64 17.14
C ARG B 31 -4.83 -18.43 16.23
N LEU B 32 -5.98 -18.39 15.54
CA LEU B 32 -6.28 -17.25 14.68
C LEU B 32 -6.65 -16.01 15.48
N GLN B 33 -7.29 -16.17 16.64
CA GLN B 33 -7.62 -15.01 17.47
C GLN B 33 -6.37 -14.29 17.94
N ARG B 34 -5.33 -15.05 18.31
CA ARG B 34 -4.07 -14.41 18.67
C ARG B 34 -3.39 -13.81 17.44
N GLU B 35 -3.62 -14.39 16.27
CA GLU B 35 -3.08 -13.80 15.04
C GLU B 35 -3.71 -12.44 14.78
N VAL B 36 -4.99 -12.28 15.08
CA VAL B 36 -5.64 -10.98 14.91
C VAL B 36 -4.99 -9.94 15.81
N GLU B 37 -4.79 -10.29 17.08
CA GLU B 37 -4.19 -9.35 18.02
C GLU B 37 -2.75 -9.01 17.64
N GLY B 38 -2.02 -9.97 17.08
CA GLY B 38 -0.65 -9.70 16.66
C GLY B 38 -0.60 -8.80 15.44
N GLU B 39 -1.54 -9.00 14.51
CA GLU B 39 -1.61 -8.13 13.34
C GLU B 39 -2.08 -6.73 13.72
N ARG B 40 -2.96 -6.62 14.71
CA ARG B 40 -3.40 -5.31 15.17
C ARG B 40 -2.26 -4.55 15.84
N ARG B 41 -1.40 -5.26 16.59
CA ARG B 41 -0.24 -4.60 17.19
C ARG B 41 0.73 -4.09 16.13
N ALA B 42 0.97 -4.90 15.09
CA ALA B 42 1.86 -4.47 14.02
C ALA B 42 1.27 -3.32 13.23
N ARG B 43 -0.05 -3.34 13.02
CA ARG B 43 -0.72 -2.23 12.36
C ARG B 43 -0.55 -0.93 13.14
N GLU B 44 -0.78 -0.99 14.45
CA GLU B 44 -0.66 0.20 15.27
C GLU B 44 0.77 0.73 15.29
N GLN B 45 1.76 -0.17 15.20
CA GLN B 45 3.15 0.27 15.17
C GLN B 45 3.47 0.98 13.86
N ALA B 46 3.00 0.45 12.74
CA ALA B 46 3.22 1.11 11.46
C ALA B 46 2.49 2.43 11.38
N GLU B 47 1.27 2.49 11.91
CA GLU B 47 0.52 3.74 11.91
C GLU B 47 1.15 4.78 12.85
N ALA B 48 1.76 4.31 13.95
CA ALA B 48 2.49 5.24 14.82
C ALA B 48 3.71 5.82 14.11
N GLU B 49 4.40 4.99 13.32
CA GLU B 49 5.53 5.50 12.54
C GLU B 49 5.07 6.50 11.49
N VAL B 50 3.89 6.26 10.90
CA VAL B 50 3.34 7.22 9.93
C VAL B 50 3.15 8.58 10.60
N ALA B 51 2.59 8.59 11.81
CA ALA B 51 2.42 9.85 12.53
C ALA B 51 3.76 10.53 12.79
N SER B 52 4.76 9.76 13.20
CA SER B 52 6.07 10.36 13.49
C SER B 52 6.69 10.95 12.25
N LEU B 53 6.63 10.23 11.12
CA LEU B 53 7.19 10.74 9.89
C LEU B 53 6.39 11.93 9.37
N ASN B 54 5.09 11.97 9.63
CA ASN B 54 4.29 13.13 9.26
C ASN B 54 4.76 14.38 9.99
N ARG B 55 5.07 14.24 11.28
CA ARG B 55 5.56 15.37 12.05
C ARG B 55 6.97 15.76 11.61
N ARG B 56 7.79 14.78 11.22
CA ARG B 56 9.16 15.07 10.85
C ARG B 56 9.24 15.79 9.51
N ILE B 57 8.43 15.36 8.53
CA ILE B 57 8.47 16.01 7.23
C ILE B 57 7.94 17.44 7.32
N GLN B 58 6.96 17.70 8.18
CA GLN B 58 6.47 19.06 8.34
C GLN B 58 7.55 19.98 8.89
N LEU B 59 8.40 19.46 9.77
CA LEU B 59 9.47 20.27 10.35
C LEU B 59 10.54 20.62 9.33
N VAL B 60 10.94 19.66 8.48
CA VAL B 60 11.96 19.95 7.49
C VAL B 60 11.40 20.86 6.40
N GLU B 61 10.13 20.70 6.05
CA GLU B 61 9.50 21.63 5.11
C GLU B 61 9.45 23.04 5.67
N GLU B 62 9.31 23.17 6.99
CA GLU B 62 9.38 24.48 7.61
C GLU B 62 10.81 25.02 7.59
N GLU B 63 11.78 24.16 7.85
CA GLU B 63 13.19 24.56 7.74
C GLU B 63 13.52 24.98 6.32
N LEU B 64 12.96 24.29 5.33
CA LEU B 64 13.22 24.66 3.93
C LEU B 64 12.60 26.00 3.59
N ASP B 65 11.37 26.25 4.03
CA ASP B 65 10.73 27.53 3.77
C ASP B 65 11.56 28.68 4.34
N ARG B 66 12.05 28.53 5.57
CA ARG B 66 12.93 29.54 6.14
C ARG B 66 14.24 29.65 5.39
N ALA B 67 14.76 28.54 4.87
CA ALA B 67 16.03 28.59 4.15
C ALA B 67 15.87 29.29 2.81
N GLN B 68 14.73 29.09 2.15
CA GLN B 68 14.48 29.79 0.89
C GLN B 68 14.10 31.25 1.13
N GLU B 69 13.41 31.53 2.23
CA GLU B 69 13.06 32.91 2.56
C GLU B 69 14.32 33.70 2.91
N ARG B 70 15.26 33.08 3.63
CA ARG B 70 16.54 33.74 3.89
C ARG B 70 17.31 33.96 2.59
N LEU B 71 17.28 32.98 1.70
CA LEU B 71 17.92 33.11 0.40
C LEU B 71 17.32 34.28 -0.38
N ALA B 72 16.00 34.46 -0.26
CA ALA B 72 15.35 35.57 -0.95
C ALA B 72 15.83 36.92 -0.41
N THR B 73 15.97 37.04 0.91
CA THR B 73 16.45 38.30 1.48
C THR B 73 17.89 38.58 1.05
N ALA B 74 18.72 37.54 0.92
CA ALA B 74 20.09 37.75 0.49
C ALA B 74 20.14 38.13 -0.98
N LEU B 75 19.40 37.41 -1.83
CA LEU B 75 19.33 37.77 -3.23
C LEU B 75 18.66 39.13 -3.44
N GLN B 76 17.62 39.43 -2.66
CA GLN B 76 16.93 40.71 -2.81
C GLN B 76 17.84 41.86 -2.38
N LYS B 77 18.69 41.64 -1.38
CA LYS B 77 19.68 42.61 -0.95
C LYS B 77 20.82 42.76 -1.95
N LEU B 78 20.80 41.98 -3.04
CA LEU B 78 21.82 42.02 -4.08
C LEU B 78 21.45 42.98 -5.21
N GLU B 79 20.18 43.05 -5.59
CA GLU B 79 19.77 43.97 -6.65
C GLU B 79 19.94 45.43 -6.20
N THR C 7 30.58 43.58 -29.63
CA THR C 7 29.67 42.53 -29.19
C THR C 7 29.91 42.17 -27.73
N ILE C 8 30.65 43.03 -27.03
CA ILE C 8 30.99 42.77 -25.63
C ILE C 8 29.74 42.78 -24.75
N GLU C 9 28.89 43.80 -24.88
CA GLU C 9 27.73 43.91 -24.02
C GLU C 9 26.74 42.77 -24.24
N ALA C 10 26.66 42.26 -25.46
CA ALA C 10 25.78 41.12 -25.72
C ALA C 10 26.26 39.85 -25.03
N VAL C 11 27.52 39.81 -24.61
CA VAL C 11 28.10 38.64 -23.96
C VAL C 11 27.93 38.68 -22.45
N LYS C 12 28.02 39.87 -21.83
CA LYS C 12 27.79 39.98 -20.40
C LYS C 12 26.36 39.60 -20.02
N ARG C 13 25.41 39.80 -20.92
CA ARG C 13 24.03 39.40 -20.66
C ARG C 13 23.82 37.91 -20.95
N LYS C 14 24.53 37.36 -21.93
CA LYS C 14 24.41 35.93 -22.24
C LYS C 14 24.72 35.06 -21.03
N ILE C 15 25.63 35.50 -20.15
CA ILE C 15 25.90 34.74 -18.94
C ILE C 15 24.68 34.71 -18.03
N GLN C 16 23.98 35.84 -17.93
CA GLN C 16 22.82 35.91 -17.04
C GLN C 16 21.71 34.98 -17.53
N VAL C 17 21.47 34.95 -18.84
CA VAL C 17 20.38 34.12 -19.38
C VAL C 17 20.73 32.64 -19.25
N LEU C 18 22.00 32.28 -19.37
CA LEU C 18 22.39 30.88 -19.18
C LEU C 18 22.26 30.47 -17.72
N GLN C 19 22.56 31.40 -16.81
CA GLN C 19 22.38 31.10 -15.39
C GLN C 19 20.91 31.02 -15.03
N GLN C 20 20.07 31.82 -15.70
CA GLN C 20 18.62 31.72 -15.49
C GLN C 20 18.08 30.41 -16.06
N GLN C 21 18.65 29.97 -17.18
CA GLN C 21 18.24 28.70 -17.77
C GLN C 21 18.53 27.52 -16.85
N ALA C 22 19.72 27.50 -16.25
CA ALA C 22 20.08 26.41 -15.35
C ALA C 22 19.23 26.44 -14.08
N ASP C 23 18.93 27.64 -13.58
CA ASP C 23 18.07 27.75 -12.41
C ASP C 23 16.67 27.22 -12.71
N ASP C 24 16.12 27.59 -13.86
CA ASP C 24 14.81 27.09 -14.26
C ASP C 24 14.81 25.57 -14.40
N ALA C 25 15.87 25.02 -15.00
CA ALA C 25 15.95 23.57 -15.17
C ALA C 25 16.05 22.87 -13.82
N GLU C 26 16.82 23.44 -12.88
CA GLU C 26 16.96 22.82 -11.57
C GLU C 26 15.66 22.89 -10.79
N GLU C 27 14.92 23.99 -10.92
CA GLU C 27 13.61 24.09 -10.28
C GLU C 27 12.60 23.16 -10.94
N ARG C 28 12.68 23.01 -12.26
CA ARG C 28 11.85 22.04 -12.95
C ARG C 28 12.14 20.62 -12.48
N ALA C 29 13.42 20.30 -12.26
CA ALA C 29 13.78 18.95 -11.84
C ALA C 29 13.21 18.62 -10.46
N GLU C 30 13.28 19.58 -9.52
CA GLU C 30 12.71 19.35 -8.21
C GLU C 30 11.20 19.16 -8.29
N ARG C 31 10.53 19.92 -9.16
CA ARG C 31 9.11 19.75 -9.38
C ARG C 31 8.79 18.38 -9.97
N LEU C 32 9.63 17.89 -10.88
CA LEU C 32 9.39 16.57 -11.48
C LEU C 32 9.70 15.45 -10.49
N GLN C 33 10.67 15.64 -9.59
CA GLN C 33 10.95 14.62 -8.59
C GLN C 33 9.75 14.39 -7.68
N ARG C 34 9.05 15.47 -7.31
CA ARG C 34 7.83 15.30 -6.53
C ARG C 34 6.71 14.68 -7.37
N GLU C 35 6.69 14.97 -8.66
CA GLU C 35 5.72 14.31 -9.53
C GLU C 35 6.00 12.80 -9.65
N VAL C 36 7.28 12.41 -9.72
CA VAL C 36 7.62 10.99 -9.72
C VAL C 36 7.11 10.32 -8.45
N GLU C 37 7.41 10.92 -7.29
CA GLU C 37 6.97 10.33 -6.02
C GLU C 37 5.45 10.29 -5.93
N GLY C 38 4.77 11.29 -6.47
CA GLY C 38 3.32 11.29 -6.46
C GLY C 38 2.74 10.10 -7.22
N GLU C 39 3.33 9.78 -8.38
CA GLU C 39 2.88 8.63 -9.14
C GLU C 39 3.31 7.32 -8.49
N ARG C 40 4.51 7.30 -7.91
CA ARG C 40 4.97 6.08 -7.25
C ARG C 40 4.14 5.78 -6.00
N ARG C 41 3.85 6.82 -5.21
CA ARG C 41 2.99 6.64 -4.04
C ARG C 41 1.63 6.07 -4.43
N ALA C 42 1.03 6.61 -5.50
CA ALA C 42 -0.25 6.09 -5.96
C ALA C 42 -0.11 4.65 -6.45
N ARG C 43 0.97 4.36 -7.17
CA ARG C 43 1.21 3.01 -7.66
C ARG C 43 1.34 2.02 -6.50
N GLU C 44 2.14 2.36 -5.49
CA GLU C 44 2.37 1.44 -4.38
C GLU C 44 1.12 1.28 -3.52
N GLN C 45 0.21 2.26 -3.51
CA GLN C 45 -1.09 2.03 -2.90
C GLN C 45 -1.87 0.97 -3.68
N ALA C 46 -1.82 1.04 -5.02
CA ALA C 46 -2.52 0.05 -5.81
C ALA C 46 -1.90 -1.33 -5.66
N GLU C 47 -0.57 -1.41 -5.60
CA GLU C 47 0.09 -2.70 -5.45
C GLU C 47 -0.24 -3.33 -4.11
N ALA C 48 -0.36 -2.52 -3.06
CA ALA C 48 -0.73 -3.06 -1.75
C ALA C 48 -2.15 -3.61 -1.78
N GLU C 49 -3.07 -2.93 -2.46
CA GLU C 49 -4.42 -3.44 -2.58
C GLU C 49 -4.47 -4.68 -3.47
N VAL C 50 -3.59 -4.75 -4.48
CA VAL C 50 -3.49 -5.97 -5.30
C VAL C 50 -3.13 -7.17 -4.42
N ALA C 51 -2.12 -7.01 -3.57
CA ALA C 51 -1.73 -8.10 -2.68
C ALA C 51 -2.86 -8.46 -1.73
N SER C 52 -3.57 -7.44 -1.21
CA SER C 52 -4.69 -7.71 -0.31
C SER C 52 -5.82 -8.43 -1.03
N LEU C 53 -6.16 -7.98 -2.25
CA LEU C 53 -7.25 -8.61 -2.99
C LEU C 53 -6.92 -10.05 -3.35
N ASN C 54 -5.64 -10.37 -3.58
CA ASN C 54 -5.27 -11.75 -3.86
C ASN C 54 -5.45 -12.63 -2.62
N ARG C 55 -5.12 -12.11 -1.45
CA ARG C 55 -5.34 -12.85 -0.22
C ARG C 55 -6.83 -13.02 0.07
N ARG C 56 -7.63 -12.00 -0.21
CA ARG C 56 -9.06 -12.07 0.04
C ARG C 56 -9.74 -13.07 -0.91
N ILE C 57 -9.33 -13.11 -2.18
CA ILE C 57 -9.93 -14.05 -3.12
C ILE C 57 -9.65 -15.49 -2.67
N GLN C 58 -8.42 -15.77 -2.23
CA GLN C 58 -8.09 -17.10 -1.75
C GLN C 58 -8.92 -17.47 -0.52
N LEU C 59 -9.24 -16.49 0.34
CA LEU C 59 -10.10 -16.77 1.48
C LEU C 59 -11.52 -17.12 1.04
N VAL C 60 -12.06 -16.39 0.06
CA VAL C 60 -13.42 -16.66 -0.39
C VAL C 60 -13.49 -18.00 -1.10
N GLU C 61 -12.46 -18.35 -1.87
CA GLU C 61 -12.45 -19.66 -2.53
C GLU C 61 -12.43 -20.80 -1.51
N GLU C 62 -11.80 -20.58 -0.36
CA GLU C 62 -11.79 -21.61 0.68
C GLU C 62 -13.16 -21.72 1.36
N GLU C 63 -13.81 -20.58 1.60
CA GLU C 63 -15.19 -20.62 2.10
C GLU C 63 -16.12 -21.30 1.10
N LEU C 64 -15.87 -21.11 -0.19
CA LEU C 64 -16.70 -21.76 -1.20
C LEU C 64 -16.50 -23.28 -1.18
N ASP C 65 -15.25 -23.73 -1.13
CA ASP C 65 -14.99 -25.17 -1.12
C ASP C 65 -15.58 -25.84 0.11
N ARG C 66 -15.45 -25.20 1.28
CA ARG C 66 -16.05 -25.77 2.48
C ARG C 66 -17.57 -25.78 2.38
N ALA C 67 -18.14 -24.75 1.74
CA ALA C 67 -19.59 -24.70 1.56
C ALA C 67 -20.07 -25.82 0.63
N GLN C 68 -19.32 -26.08 -0.44
CA GLN C 68 -19.67 -27.18 -1.34
C GLN C 68 -19.53 -28.52 -0.64
N GLU C 69 -18.51 -28.67 0.20
CA GLU C 69 -18.32 -29.90 0.97
C GLU C 69 -19.53 -30.15 1.87
N ARG C 70 -19.93 -29.14 2.63
CA ARG C 70 -21.06 -29.27 3.54
C ARG C 70 -22.35 -29.58 2.79
N LEU C 71 -22.56 -28.91 1.66
CA LEU C 71 -23.75 -29.18 0.83
C LEU C 71 -23.76 -30.63 0.35
N ALA C 72 -22.68 -31.08 -0.28
CA ALA C 72 -22.58 -32.46 -0.74
C ALA C 72 -22.90 -33.44 0.38
N THR C 73 -22.40 -33.18 1.59
CA THR C 73 -22.70 -34.05 2.72
C THR C 73 -24.19 -34.01 3.06
N ALA C 74 -24.74 -32.82 3.25
CA ALA C 74 -26.13 -32.70 3.70
C ALA C 74 -27.10 -33.28 2.67
N LEU C 75 -26.73 -33.28 1.39
CA LEU C 75 -27.61 -33.88 0.38
C LEU C 75 -27.48 -35.40 0.37
N GLN C 76 -26.30 -35.92 0.71
CA GLN C 76 -26.14 -37.36 0.86
C GLN C 76 -26.91 -37.88 2.08
N LYS C 77 -27.04 -37.05 3.12
CA LYS C 77 -27.85 -37.44 4.27
C LYS C 77 -29.34 -37.35 3.97
N LEU C 78 -29.75 -36.47 3.06
CA LEU C 78 -31.14 -36.45 2.62
C LEU C 78 -31.45 -37.61 1.68
N GLU C 79 -30.43 -38.21 1.07
CA GLU C 79 -30.65 -39.38 0.23
C GLU C 79 -31.17 -40.55 1.06
N GLU C 80 -30.53 -40.82 2.21
CA GLU C 80 -30.92 -41.92 3.07
C GLU C 80 -31.75 -41.45 4.27
N CYS C 81 -32.47 -40.35 4.12
CA CYS C 81 -33.33 -39.83 5.18
C CYS C 81 -34.72 -40.48 5.08
N GLU D 9 39.77 38.87 -23.98
CA GLU D 9 38.37 38.58 -23.69
C GLU D 9 38.15 37.08 -23.43
N ALA D 10 38.13 36.71 -22.16
CA ALA D 10 37.95 35.33 -21.74
C ALA D 10 36.51 35.02 -21.35
N VAL D 11 35.60 35.98 -21.45
CA VAL D 11 34.21 35.76 -21.10
C VAL D 11 33.57 34.74 -22.02
N LYS D 12 34.10 34.61 -23.24
CA LYS D 12 33.65 33.56 -24.16
C LYS D 12 33.87 32.17 -23.56
N ARG D 13 34.87 32.02 -22.70
CA ARG D 13 35.23 30.72 -22.16
C ARG D 13 34.42 30.34 -20.94
N LYS D 14 34.04 31.32 -20.09
CA LYS D 14 33.09 31.03 -19.03
C LYS D 14 31.70 30.76 -19.57
N ILE D 15 31.36 31.31 -20.73
CA ILE D 15 30.05 31.06 -21.32
C ILE D 15 29.93 29.60 -21.75
N GLN D 16 30.99 29.04 -22.32
CA GLN D 16 30.94 27.64 -22.74
C GLN D 16 30.84 26.71 -21.55
N VAL D 17 31.40 27.11 -20.40
CA VAL D 17 31.20 26.35 -19.17
C VAL D 17 29.75 26.45 -18.70
N LEU D 18 29.18 27.67 -18.76
CA LEU D 18 27.79 27.84 -18.38
C LEU D 18 26.85 27.14 -19.36
N GLN D 19 27.21 27.16 -20.65
CA GLN D 19 26.39 26.46 -21.64
C GLN D 19 26.39 24.96 -21.41
N GLN D 20 27.52 24.41 -20.96
CA GLN D 20 27.57 22.98 -20.67
C GLN D 20 26.80 22.66 -19.39
N GLN D 21 26.87 23.53 -18.39
CA GLN D 21 26.09 23.32 -17.17
C GLN D 21 24.60 23.36 -17.46
N ALA D 22 24.15 24.31 -18.29
CA ALA D 22 22.74 24.39 -18.62
C ALA D 22 22.29 23.22 -19.48
N ASP D 23 23.16 22.71 -20.36
CA ASP D 23 22.81 21.52 -21.14
C ASP D 23 22.59 20.32 -20.23
N ASP D 24 23.47 20.12 -19.26
CA ASP D 24 23.30 19.02 -18.31
C ASP D 24 22.06 19.22 -17.44
N ALA D 25 21.78 20.46 -17.06
CA ALA D 25 20.60 20.74 -16.25
C ALA D 25 19.33 20.42 -17.02
N GLU D 26 19.26 20.86 -18.29
CA GLU D 26 18.13 20.48 -19.13
C GLU D 26 18.11 18.97 -19.37
N GLU D 27 19.27 18.33 -19.40
CA GLU D 27 19.34 16.89 -19.60
C GLU D 27 18.75 16.13 -18.43
N ARG D 28 19.10 16.53 -17.21
CA ARG D 28 18.56 15.86 -16.03
C ARG D 28 17.05 16.05 -15.92
N ALA D 29 16.55 17.23 -16.30
CA ALA D 29 15.11 17.46 -16.28
C ALA D 29 14.40 16.60 -17.32
N GLU D 30 15.00 16.46 -18.51
CA GLU D 30 14.40 15.60 -19.52
C GLU D 30 14.36 14.15 -19.06
N ARG D 31 15.41 13.70 -18.37
CA ARG D 31 15.43 12.34 -17.84
C ARG D 31 14.35 12.13 -16.80
N LEU D 32 14.11 13.13 -15.95
CA LEU D 32 13.05 13.01 -14.95
C LEU D 32 11.68 13.06 -15.59
N GLN D 33 11.53 13.81 -16.68
CA GLN D 33 10.26 13.82 -17.40
C GLN D 33 9.92 12.43 -17.94
N ARG D 34 10.92 11.70 -18.42
CA ARG D 34 10.69 10.33 -18.85
C ARG D 34 10.43 9.40 -17.68
N GLU D 35 11.03 9.68 -16.51
CA GLU D 35 10.74 8.89 -15.32
C GLU D 35 9.29 9.06 -14.89
N VAL D 36 8.74 10.27 -15.02
CA VAL D 36 7.35 10.50 -14.68
C VAL D 36 6.45 9.66 -15.57
N GLU D 37 6.73 9.64 -16.88
CA GLU D 37 5.91 8.88 -17.81
C GLU D 37 5.97 7.39 -17.50
N GLY D 38 7.11 6.89 -17.03
CA GLY D 38 7.21 5.48 -16.69
C GLY D 38 6.44 5.12 -15.43
N GLU D 39 6.47 6.01 -14.42
CA GLU D 39 5.70 5.74 -13.21
C GLU D 39 4.20 5.88 -13.46
N ARG D 40 3.80 6.79 -14.34
CA ARG D 40 2.37 6.91 -14.64
C ARG D 40 1.85 5.68 -15.36
N ARG D 41 2.66 5.11 -16.26
CA ARG D 41 2.27 3.87 -16.92
C ARG D 41 2.21 2.71 -15.94
N ALA D 42 3.19 2.63 -15.03
CA ALA D 42 3.19 1.55 -14.05
C ALA D 42 2.05 1.71 -13.05
N ARG D 43 1.76 2.94 -12.64
CA ARG D 43 0.62 3.17 -11.75
C ARG D 43 -0.69 2.80 -12.42
N GLU D 44 -0.85 3.17 -13.69
CA GLU D 44 -2.09 2.87 -14.40
C GLU D 44 -2.29 1.37 -14.57
N GLN D 45 -1.20 0.61 -14.73
CA GLN D 45 -1.33 -0.85 -14.84
C GLN D 45 -1.72 -1.47 -13.51
N ALA D 46 -1.11 -1.00 -12.42
CA ALA D 46 -1.46 -1.54 -11.11
C ALA D 46 -2.91 -1.23 -10.76
N GLU D 47 -3.38 -0.03 -11.11
CA GLU D 47 -4.77 0.31 -10.85
C GLU D 47 -5.73 -0.49 -11.71
N ALA D 48 -5.33 -0.82 -12.95
CA ALA D 48 -6.15 -1.69 -13.76
C ALA D 48 -6.23 -3.09 -13.15
N GLU D 49 -5.14 -3.56 -12.56
CA GLU D 49 -5.17 -4.85 -11.89
C GLU D 49 -6.07 -4.81 -10.66
N VAL D 50 -6.07 -3.68 -9.94
CA VAL D 50 -6.97 -3.53 -8.80
C VAL D 50 -8.43 -3.63 -9.26
N ALA D 51 -8.77 -2.94 -10.34
CA ALA D 51 -10.12 -3.03 -10.89
C ALA D 51 -10.46 -4.45 -11.30
N SER D 52 -9.53 -5.15 -11.94
CA SER D 52 -9.77 -6.51 -12.40
C SER D 52 -10.03 -7.45 -11.22
N LEU D 53 -9.22 -7.35 -10.16
CA LEU D 53 -9.40 -8.23 -9.01
C LEU D 53 -10.68 -7.94 -8.25
N ASN D 54 -11.13 -6.67 -8.25
CA ASN D 54 -12.41 -6.36 -7.63
C ASN D 54 -13.56 -7.06 -8.35
N ARG D 55 -13.52 -7.09 -9.68
CA ARG D 55 -14.57 -7.79 -10.43
C ARG D 55 -14.49 -9.29 -10.23
N ARG D 56 -13.28 -9.84 -10.08
CA ARG D 56 -13.15 -11.29 -9.92
C ARG D 56 -13.65 -11.74 -8.55
N ILE D 57 -13.32 -10.99 -7.49
CA ILE D 57 -13.73 -11.41 -6.15
C ILE D 57 -15.24 -11.33 -6.01
N GLN D 58 -15.89 -10.36 -6.67
CA GLN D 58 -17.34 -10.26 -6.59
C GLN D 58 -18.01 -11.50 -7.15
N LEU D 59 -17.43 -12.09 -8.21
CA LEU D 59 -18.02 -13.31 -8.78
C LEU D 59 -17.90 -14.48 -7.81
N VAL D 60 -16.77 -14.60 -7.13
CA VAL D 60 -16.59 -15.70 -6.18
C VAL D 60 -17.48 -15.49 -4.96
N GLU D 61 -17.64 -14.24 -4.52
CA GLU D 61 -18.56 -13.96 -3.42
C GLU D 61 -20.00 -14.28 -3.80
N GLU D 62 -20.36 -14.04 -5.06
CA GLU D 62 -21.72 -14.38 -5.51
C GLU D 62 -21.88 -15.90 -5.62
N GLU D 63 -20.86 -16.59 -6.15
CA GLU D 63 -20.90 -18.05 -6.20
C GLU D 63 -21.01 -18.64 -4.79
N LEU D 64 -20.33 -18.01 -3.82
CA LEU D 64 -20.40 -18.48 -2.44
C LEU D 64 -21.80 -18.32 -1.88
N ASP D 65 -22.43 -17.16 -2.13
CA ASP D 65 -23.79 -16.94 -1.66
C ASP D 65 -24.76 -17.97 -2.20
N ARG D 66 -24.63 -18.32 -3.48
CA ARG D 66 -25.50 -19.35 -4.05
C ARG D 66 -25.27 -20.69 -3.36
N ALA D 67 -24.03 -20.99 -2.98
CA ALA D 67 -23.74 -22.26 -2.29
C ALA D 67 -24.25 -22.23 -0.86
N GLN D 68 -24.22 -21.05 -0.21
CA GLN D 68 -24.71 -20.95 1.15
C GLN D 68 -26.22 -21.03 1.23
N GLU D 69 -26.93 -20.49 0.23
CA GLU D 69 -28.39 -20.58 0.22
C GLU D 69 -28.86 -22.01 0.03
N ARG D 70 -28.22 -22.76 -0.87
CA ARG D 70 -28.60 -24.16 -1.03
C ARG D 70 -28.26 -24.98 0.20
N LEU D 71 -27.10 -24.73 0.81
CA LEU D 71 -26.76 -25.43 2.04
C LEU D 71 -27.78 -25.19 3.12
N ALA D 72 -28.28 -23.96 3.23
CA ALA D 72 -29.31 -23.66 4.22
C ALA D 72 -30.60 -24.39 3.90
N THR D 73 -30.99 -24.44 2.62
CA THR D 73 -32.19 -25.16 2.23
C THR D 73 -32.04 -26.65 2.50
N ALA D 74 -30.82 -27.18 2.31
CA ALA D 74 -30.59 -28.60 2.57
C ALA D 74 -30.62 -28.89 4.07
N LEU D 75 -29.99 -28.04 4.87
CA LEU D 75 -30.02 -28.24 6.32
C LEU D 75 -31.44 -28.12 6.86
N GLN D 76 -32.22 -27.16 6.36
CA GLN D 76 -33.58 -27.02 6.85
C GLN D 76 -34.44 -28.20 6.41
N LYS D 77 -34.17 -28.76 5.24
CA LYS D 77 -34.87 -29.96 4.82
C LYS D 77 -34.42 -31.20 5.60
N LEU D 78 -33.34 -31.08 6.37
CA LEU D 78 -32.87 -32.17 7.22
C LEU D 78 -33.33 -32.04 8.67
N GLU D 79 -33.24 -30.84 9.24
CA GLU D 79 -33.74 -30.58 10.57
C GLU D 79 -35.27 -30.52 10.59
#